data_8QJQ
#
_entry.id   8QJQ
#
_cell.length_a   43.255
_cell.length_b   73.166
_cell.length_c   81.660
_cell.angle_alpha   90.000
_cell.angle_beta   104.991
_cell.angle_gamma   90.000
#
_symmetry.space_group_name_H-M   'P 1 21 1'
#
loop_
_entity.id
_entity.type
_entity.pdbx_description
1 polymer 'S1/P1 Nuclease'
2 non-polymer 'ZINC ION'
3 non-polymer "CYTIDINE-5'-MONOPHOSPHATE"
4 non-polymer GLYCEROL
5 non-polymer DI(HYDROXYETHYL)ETHER
6 non-polymer 'SULFATE ION'
7 non-polymer 'PENTAETHYLENE GLYCOL'
8 non-polymer 'PHOSPHATE ION'
9 water water
#
_entity_poly.entity_id   1
_entity_poly.type   'polypeptide(L)'
_entity_poly.pdbx_seq_one_letter_code
;WGAQGHRLVAEVADARLNPTARAEVDRLLATEPDATLASIAPWADQLRAKDPGLGRRSAGWHYVNIAEDNCHYEAPKHCR
NGNCIVEALKAQSTILGDRSLTDGERLQALKFVVHLVGDIHQPMHAGYAHDKGGNDFQLQFGNRGTNLHSLWDSGMLNTR
KLDDAGYLPLLQSQRAPKLARQSNPQRDPQTWAEASCRISMQAGVYPATRKIGDEYTERYRPLAEAQLRLAGENLAQLLN
RVLGARLEHHHHHH
;
_entity_poly.pdbx_strand_id   A,B
#
loop_
_chem_comp.id
_chem_comp.type
_chem_comp.name
_chem_comp.formula
1PE non-polymer 'PENTAETHYLENE GLYCOL' 'C10 H22 O6'
C5P non-polymer CYTIDINE-5'-MONOPHOSPHATE 'C9 H14 N3 O8 P'
GOL non-polymer GLYCEROL 'C3 H8 O3'
PEG non-polymer DI(HYDROXYETHYL)ETHER 'C4 H10 O3'
PO4 non-polymer 'PHOSPHATE ION' 'O4 P -3'
SO4 non-polymer 'SULFATE ION' 'O4 S -2'
ZN non-polymer 'ZINC ION' 'Zn 2'
#
# COMPACT_ATOMS: atom_id res chain seq x y z
N TRP A 1 -20.51 12.68 5.28
CA TRP A 1 -21.42 13.27 4.26
C TRP A 1 -22.72 13.72 4.92
N GLY A 2 -23.50 14.55 4.21
CA GLY A 2 -24.92 14.75 4.53
C GLY A 2 -25.73 13.52 4.21
N ALA A 3 -27.04 13.60 4.38
CA ALA A 3 -27.95 12.44 4.29
C ALA A 3 -27.91 11.89 2.86
N GLN A 4 -27.90 12.76 1.85
CA GLN A 4 -27.90 12.32 0.43
C GLN A 4 -26.59 11.58 0.11
N GLY A 5 -25.42 12.11 0.47
CA GLY A 5 -24.15 11.39 0.26
C GLY A 5 -24.20 10.00 0.89
N HIS A 6 -24.70 9.85 2.12
CA HIS A 6 -24.84 8.54 2.80
C HIS A 6 -25.71 7.58 1.98
N ARG A 7 -26.91 8.02 1.57
CA ARG A 7 -27.85 7.19 0.77
C ARG A 7 -27.16 6.76 -0.54
N LEU A 8 -26.43 7.66 -1.19
CA LEU A 8 -25.81 7.38 -2.52
C LEU A 8 -24.73 6.31 -2.36
N VAL A 9 -23.94 6.40 -1.32
CA VAL A 9 -22.94 5.34 -0.99
C VAL A 9 -23.69 3.99 -0.87
N ALA A 10 -24.79 3.93 -0.10
CA ALA A 10 -25.56 2.68 0.10
C ALA A 10 -26.15 2.19 -1.22
N GLU A 11 -26.62 3.12 -2.08
CA GLU A 11 -27.30 2.79 -3.34
C GLU A 11 -26.29 2.19 -4.34
N VAL A 12 -25.10 2.79 -4.43
CA VAL A 12 -23.97 2.27 -5.23
C VAL A 12 -23.64 0.87 -4.72
N ALA A 13 -23.53 0.69 -3.41
CA ALA A 13 -23.14 -0.61 -2.82
C ALA A 13 -24.21 -1.68 -3.08
N ASP A 14 -25.47 -1.35 -2.89
CA ASP A 14 -26.58 -2.35 -2.90
C ASP A 14 -26.56 -3.10 -4.24
N ALA A 15 -26.29 -2.40 -5.34
CA ALA A 15 -26.30 -2.95 -6.72
C ALA A 15 -25.15 -3.95 -6.91
N ARG A 16 -24.09 -3.90 -6.10
CA ARG A 16 -22.85 -4.71 -6.29
C ARG A 16 -22.84 -5.91 -5.33
N LEU A 17 -23.87 -6.09 -4.52
CA LEU A 17 -23.88 -7.17 -3.51
C LEU A 17 -23.91 -8.51 -4.24
N ASN A 18 -23.13 -9.49 -3.78
CA ASN A 18 -23.24 -10.89 -4.30
C ASN A 18 -24.55 -11.47 -3.76
N PRO A 19 -25.10 -12.54 -4.36
CA PRO A 19 -26.37 -13.09 -3.90
C PRO A 19 -26.38 -13.49 -2.41
N THR A 20 -25.28 -14.01 -1.86
CA THR A 20 -25.23 -14.44 -0.44
C THR A 20 -25.32 -13.22 0.47
N ALA A 21 -24.52 -12.18 0.21
CA ALA A 21 -24.53 -10.94 1.02
C ALA A 21 -25.87 -10.22 0.85
N ARG A 22 -26.44 -10.20 -0.36
CA ARG A 22 -27.75 -9.53 -0.62
C ARG A 22 -28.84 -10.22 0.23
N ALA A 23 -28.91 -11.55 0.23
CA ALA A 23 -29.88 -12.33 1.05
C ALA A 23 -29.70 -12.00 2.54
N GLU A 24 -28.47 -11.98 3.06
CA GLU A 24 -28.24 -11.70 4.50
C GLU A 24 -28.61 -10.26 4.82
N VAL A 25 -28.16 -9.30 4.01
CA VAL A 25 -28.57 -7.87 4.21
C VAL A 25 -30.10 -7.77 4.26
N ASP A 26 -30.82 -8.37 3.30
CA ASP A 26 -32.30 -8.26 3.26
C ASP A 26 -32.91 -8.89 4.53
N ARG A 27 -32.35 -9.99 5.02
CA ARG A 27 -32.80 -10.68 6.27
C ARG A 27 -32.68 -9.71 7.43
N LEU A 28 -31.54 -9.01 7.52
CA LEU A 28 -31.32 -8.06 8.65
C LEU A 28 -32.27 -6.89 8.50
N LEU A 29 -32.42 -6.34 7.29
CA LEU A 29 -33.30 -5.18 7.04
C LEU A 29 -34.75 -5.54 7.35
N ALA A 30 -35.15 -6.79 7.08
CA ALA A 30 -36.56 -7.24 7.24
C ALA A 30 -37.01 -7.17 8.70
N THR A 31 -36.08 -7.16 9.66
CA THR A 31 -36.39 -7.07 11.12
C THR A 31 -36.89 -5.67 11.45
N GLU A 32 -36.69 -4.70 10.55
CA GLU A 32 -37.16 -3.30 10.70
C GLU A 32 -38.00 -2.92 9.49
N PRO A 33 -39.34 -2.96 9.61
CA PRO A 33 -40.21 -2.93 8.44
C PRO A 33 -39.94 -1.68 7.58
N ASP A 34 -39.85 -1.88 6.26
CA ASP A 34 -39.61 -0.84 5.21
C ASP A 34 -38.20 -0.22 5.29
N ALA A 35 -37.28 -0.71 6.12
CA ALA A 35 -35.85 -0.29 6.09
C ALA A 35 -35.23 -0.76 4.77
N THR A 36 -34.37 0.06 4.17
CA THR A 36 -33.54 -0.32 3.00
C THR A 36 -32.08 0.04 3.34
N LEU A 37 -31.14 -0.42 2.54
CA LEU A 37 -29.73 -0.07 2.78
C LEU A 37 -29.62 1.46 2.68
N ALA A 38 -30.35 2.10 1.76
CA ALA A 38 -30.31 3.58 1.63
C ALA A 38 -30.91 4.26 2.87
N SER A 39 -32.07 3.80 3.37
CA SER A 39 -32.83 4.52 4.41
C SER A 39 -32.09 4.49 5.75
N ILE A 40 -31.29 3.45 6.00
CA ILE A 40 -30.50 3.30 7.26
C ILE A 40 -29.16 4.04 7.15
N ALA A 41 -28.75 4.46 5.96
CA ALA A 41 -27.38 5.01 5.74
C ALA A 41 -27.17 6.29 6.57
N PRO A 42 -28.11 7.24 6.70
CA PRO A 42 -27.93 8.39 7.60
C PRO A 42 -28.17 8.16 9.09
N TRP A 43 -28.61 6.97 9.47
CA TRP A 43 -29.17 6.72 10.83
C TRP A 43 -28.17 7.12 11.93
N ALA A 44 -26.89 6.79 11.78
CA ALA A 44 -25.88 7.06 12.84
C ALA A 44 -25.80 8.56 13.15
N ASP A 45 -26.07 9.46 12.19
CA ASP A 45 -26.06 10.93 12.43
C ASP A 45 -27.30 11.35 13.21
N GLN A 46 -28.44 10.71 12.99
CA GLN A 46 -29.67 11.03 13.75
CA GLN A 46 -29.70 10.96 13.74
C GLN A 46 -29.52 10.42 15.16
N LEU A 47 -28.83 9.29 15.29
CA LEU A 47 -28.54 8.69 16.61
C LEU A 47 -27.69 9.68 17.41
N ARG A 48 -26.67 10.25 16.75
CA ARG A 48 -25.76 11.23 17.39
C ARG A 48 -26.56 12.44 17.84
N ALA A 49 -27.51 12.92 17.03
CA ALA A 49 -28.28 14.15 17.33
C ALA A 49 -29.33 13.92 18.44
N LYS A 50 -29.93 12.72 18.53
CA LYS A 50 -31.19 12.50 19.31
C LYS A 50 -30.98 11.62 20.55
N ASP A 51 -29.95 10.75 20.61
CA ASP A 51 -29.77 9.78 21.72
C ASP A 51 -28.70 10.30 22.68
N PRO A 52 -29.06 10.77 23.89
CA PRO A 52 -28.07 11.30 24.82
C PRO A 52 -27.14 10.22 25.43
N GLY A 53 -27.43 8.94 25.18
CA GLY A 53 -26.56 7.81 25.59
C GLY A 53 -25.59 7.40 24.48
N LEU A 54 -25.94 6.36 23.73
CA LEU A 54 -25.09 5.80 22.64
C LEU A 54 -24.78 6.88 21.60
N GLY A 55 -25.71 7.80 21.33
CA GLY A 55 -25.50 8.92 20.39
C GLY A 55 -24.31 9.78 20.80
N ARG A 56 -24.26 10.19 22.06
CA ARG A 56 -23.14 11.00 22.61
C ARG A 56 -21.85 10.16 22.59
N ARG A 57 -21.92 8.90 23.05
CA ARG A 57 -20.78 7.95 23.14
C ARG A 57 -20.17 7.69 21.76
N SER A 58 -20.99 7.68 20.70
CA SER A 58 -20.60 7.29 19.32
C SER A 58 -20.21 8.50 18.46
N ALA A 59 -20.24 9.75 18.94
CA ALA A 59 -19.98 10.95 18.10
C ALA A 59 -18.58 10.90 17.49
N GLY A 60 -17.58 10.51 18.31
CA GLY A 60 -16.18 10.35 17.91
C GLY A 60 -16.00 9.30 16.81
N TRP A 61 -16.93 8.36 16.66
CA TRP A 61 -16.80 7.22 15.71
C TRP A 61 -16.92 7.69 14.26
N HIS A 62 -17.35 8.93 14.02
CA HIS A 62 -17.63 9.46 12.65
C HIS A 62 -16.36 10.02 12.00
N TYR A 63 -15.27 10.17 12.73
CA TYR A 63 -14.05 10.79 12.16
C TYR A 63 -12.79 10.33 12.86
N VAL A 64 -11.66 10.73 12.31
CA VAL A 64 -10.34 10.62 12.99
C VAL A 64 -9.42 11.69 12.42
N ASN A 65 -8.92 12.55 13.28
CA ASN A 65 -8.19 13.75 12.81
C ASN A 65 -6.69 13.44 12.85
N ILE A 66 -6.11 13.18 11.68
CA ILE A 66 -4.70 12.70 11.57
C ILE A 66 -3.88 13.63 10.68
N ALA A 67 -4.41 14.74 10.15
CA ALA A 67 -3.61 15.58 9.21
C ALA A 67 -2.39 16.21 9.88
N GLU A 68 -2.44 16.56 11.18
CA GLU A 68 -1.25 17.15 11.87
C GLU A 68 -0.11 16.12 11.93
N ASP A 69 -0.42 14.82 11.82
CA ASP A 69 0.59 13.73 11.77
C ASP A 69 0.84 13.28 10.32
N ASN A 70 0.59 14.14 9.34
CA ASN A 70 0.82 13.84 7.90
C ASN A 70 0.10 12.55 7.51
N CYS A 71 -1.09 12.32 8.06
CA CYS A 71 -2.01 11.23 7.64
C CYS A 71 -1.41 9.87 8.00
N HIS A 72 -0.66 9.80 9.10
CA HIS A 72 -0.07 8.56 9.69
C HIS A 72 -0.88 8.24 10.94
N TYR A 73 -1.84 7.35 10.81
CA TYR A 73 -2.73 6.92 11.92
C TYR A 73 -1.92 6.11 12.94
N GLU A 74 -2.10 6.35 14.24
CA GLU A 74 -1.60 5.49 15.35
C GLU A 74 -2.68 5.45 16.45
N ALA A 75 -3.25 4.26 16.72
CA ALA A 75 -4.43 4.05 17.61
C ALA A 75 -4.18 4.63 19.00
N PRO A 76 -3.06 4.32 19.69
CA PRO A 76 -2.85 4.85 21.04
C PRO A 76 -2.81 6.39 21.03
N LYS A 77 -2.52 7.02 19.89
CA LYS A 77 -2.39 8.50 19.79
C LYS A 77 -3.73 9.14 19.40
N HIS A 78 -4.38 8.61 18.37
CA HIS A 78 -5.54 9.27 17.74
C HIS A 78 -6.86 8.70 18.30
N CYS A 79 -6.81 7.63 19.11
N CYS A 79 -6.82 7.59 19.04
CA CYS A 79 -7.97 6.71 19.28
CA CYS A 79 -8.05 6.83 19.39
C CYS A 79 -7.92 5.81 20.54
C CYS A 79 -7.77 5.81 20.50
N ARG A 80 -7.41 6.26 21.70
CA ARG A 80 -6.91 5.34 22.78
C ARG A 80 -7.98 4.32 23.22
N ASN A 81 -9.21 4.83 23.44
CA ASN A 81 -10.36 4.02 23.94
C ASN A 81 -11.20 3.53 22.77
N GLY A 82 -10.70 3.66 21.55
CA GLY A 82 -11.38 3.13 20.36
C GLY A 82 -12.47 4.03 19.83
N ASN A 83 -12.60 5.26 20.33
CA ASN A 83 -13.68 6.19 19.90
C ASN A 83 -13.20 6.99 18.68
N CYS A 84 -12.94 6.31 17.55
CA CYS A 84 -12.66 6.99 16.26
CA CYS A 84 -12.63 6.98 16.26
C CYS A 84 -13.12 6.08 15.12
N ILE A 85 -13.16 6.61 13.91
CA ILE A 85 -13.84 5.88 12.80
C ILE A 85 -13.06 4.62 12.46
N VAL A 86 -11.73 4.61 12.56
CA VAL A 86 -10.89 3.44 12.18
C VAL A 86 -11.26 2.28 13.09
N GLU A 87 -11.26 2.51 14.41
CA GLU A 87 -11.48 1.39 15.36
C GLU A 87 -12.96 1.02 15.37
N ALA A 88 -13.85 2.01 15.27
CA ALA A 88 -15.31 1.74 15.28
C ALA A 88 -15.68 0.92 14.04
N LEU A 89 -15.17 1.25 12.86
CA LEU A 89 -15.52 0.50 11.63
C LEU A 89 -15.01 -0.93 11.74
N LYS A 90 -13.78 -1.14 12.22
CA LYS A 90 -13.23 -2.50 12.47
C LYS A 90 -14.17 -3.30 13.36
N ALA A 91 -14.54 -2.75 14.51
CA ALA A 91 -15.33 -3.47 15.52
C ALA A 91 -16.72 -3.79 14.95
N GLN A 92 -17.37 -2.81 14.33
CA GLN A 92 -18.75 -3.00 13.82
C GLN A 92 -18.74 -4.01 12.66
N SER A 93 -17.65 -4.10 11.88
CA SER A 93 -17.47 -5.11 10.81
C SER A 93 -17.38 -6.49 11.45
N THR A 94 -16.64 -6.63 12.55
CA THR A 94 -16.54 -7.91 13.30
C THR A 94 -17.92 -8.29 13.83
N ILE A 95 -18.66 -7.36 14.45
CA ILE A 95 -20.00 -7.62 15.03
C ILE A 95 -20.97 -8.08 13.91
N LEU A 96 -20.98 -7.37 12.77
CA LEU A 96 -21.85 -7.70 11.62
C LEU A 96 -21.62 -9.16 11.18
N GLY A 97 -20.37 -9.59 11.13
CA GLY A 97 -19.99 -10.92 10.63
C GLY A 97 -20.26 -12.03 11.66
N ASP A 98 -20.69 -11.68 12.88
CA ASP A 98 -20.79 -12.64 14.02
C ASP A 98 -22.14 -13.35 13.91
N ARG A 99 -22.17 -14.54 13.30
CA ARG A 99 -23.44 -15.28 13.06
C ARG A 99 -24.08 -15.78 14.37
N SER A 100 -23.38 -15.74 15.50
CA SER A 100 -23.96 -16.15 16.81
C SER A 100 -24.92 -15.09 17.35
N LEU A 101 -24.87 -13.87 16.80
CA LEU A 101 -25.63 -12.70 17.32
C LEU A 101 -27.05 -12.71 16.73
N THR A 102 -27.97 -11.99 17.35
CA THR A 102 -29.38 -11.87 16.88
C THR A 102 -29.40 -11.00 15.63
N ASP A 103 -30.46 -11.11 14.83
CA ASP A 103 -30.62 -10.27 13.60
C ASP A 103 -30.70 -8.79 14.02
N GLY A 104 -31.32 -8.45 15.15
CA GLY A 104 -31.39 -7.06 15.64
C GLY A 104 -30.00 -6.50 15.96
N GLU A 105 -29.15 -7.31 16.60
CA GLU A 105 -27.76 -6.89 16.94
C GLU A 105 -26.98 -6.67 15.64
N ARG A 106 -27.13 -7.56 14.67
CA ARG A 106 -26.36 -7.48 13.41
C ARG A 106 -26.93 -6.33 12.54
N LEU A 107 -28.23 -6.06 12.56
CA LEU A 107 -28.74 -4.89 11.80
C LEU A 107 -28.11 -3.63 12.37
N GLN A 108 -27.97 -3.51 13.69
CA GLN A 108 -27.40 -2.28 14.29
C GLN A 108 -25.97 -2.10 13.80
N ALA A 109 -25.18 -3.16 13.76
CA ALA A 109 -23.81 -3.12 13.21
C ALA A 109 -23.83 -2.77 11.71
N LEU A 110 -24.81 -3.28 10.95
CA LEU A 110 -24.97 -2.94 9.52
C LEU A 110 -25.20 -1.43 9.38
N LYS A 111 -26.04 -0.84 10.23
CA LYS A 111 -26.33 0.61 10.19
C LYS A 111 -25.03 1.39 10.39
N PHE A 112 -24.20 1.00 11.37
CA PHE A 112 -22.90 1.66 11.62
C PHE A 112 -21.97 1.42 10.43
N VAL A 113 -21.86 0.19 9.93
CA VAL A 113 -20.91 -0.11 8.83
C VAL A 113 -21.28 0.71 7.58
N VAL A 114 -22.56 0.73 7.19
CA VAL A 114 -23.01 1.50 5.99
C VAL A 114 -22.65 2.98 6.18
N HIS A 115 -22.91 3.55 7.35
CA HIS A 115 -22.65 4.98 7.62
C HIS A 115 -21.14 5.27 7.58
N LEU A 116 -20.34 4.46 8.28
CA LEU A 116 -18.92 4.79 8.55
C LEU A 116 -18.08 4.50 7.31
N VAL A 117 -18.42 3.52 6.47
CA VAL A 117 -17.73 3.41 5.15
C VAL A 117 -17.97 4.72 4.36
N GLY A 118 -19.16 5.30 4.44
CA GLY A 118 -19.41 6.64 3.82
C GLY A 118 -18.52 7.71 4.44
N ASP A 119 -18.58 7.90 5.75
CA ASP A 119 -17.85 8.97 6.46
C ASP A 119 -16.32 8.85 6.28
N ILE A 120 -15.78 7.65 6.28
CA ILE A 120 -14.29 7.43 6.24
C ILE A 120 -13.74 7.78 4.85
N HIS A 121 -14.58 7.88 3.83
CA HIS A 121 -14.26 8.36 2.46
C HIS A 121 -14.48 9.85 2.25
N GLN A 122 -14.98 10.59 3.27
CA GLN A 122 -15.16 12.07 3.18
C GLN A 122 -13.85 12.67 3.67
N PRO A 123 -13.05 13.30 2.79
CA PRO A 123 -11.74 13.80 3.18
C PRO A 123 -11.69 14.55 4.52
N MET A 124 -12.68 15.40 4.80
CA MET A 124 -12.61 16.28 5.99
CA MET A 124 -12.70 16.28 6.00
C MET A 124 -12.91 15.47 7.27
N HIS A 125 -13.38 14.21 7.13
CA HIS A 125 -13.57 13.28 8.27
C HIS A 125 -12.22 12.65 8.68
N ALA A 126 -11.10 12.98 8.02
CA ALA A 126 -9.75 12.48 8.38
C ALA A 126 -8.75 13.63 8.38
N GLY A 127 -9.22 14.85 8.67
CA GLY A 127 -8.48 16.10 8.48
C GLY A 127 -7.78 16.55 9.75
N TYR A 128 -7.80 17.86 9.99
CA TYR A 128 -7.08 18.52 11.12
C TYR A 128 -7.93 18.49 12.39
N ALA A 129 -7.32 18.13 13.51
CA ALA A 129 -7.87 18.32 14.84
C ALA A 129 -8.03 19.83 15.10
N HIS A 130 -7.08 20.63 14.60
CA HIS A 130 -7.01 22.09 14.89
C HIS A 130 -8.33 22.79 14.62
N ASP A 131 -8.97 22.52 13.47
CA ASP A 131 -10.22 23.22 13.07
C ASP A 131 -11.39 22.21 13.07
N LYS A 132 -11.25 21.07 13.76
CA LYS A 132 -12.31 20.05 13.91
C LYS A 132 -12.80 19.60 12.52
N GLY A 133 -11.88 19.16 11.68
CA GLY A 133 -12.24 18.60 10.36
C GLY A 133 -12.84 19.63 9.44
N GLY A 134 -12.45 20.90 9.58
CA GLY A 134 -12.96 22.03 8.77
C GLY A 134 -14.21 22.66 9.34
N ASN A 135 -14.77 22.12 10.42
CA ASN A 135 -16.03 22.67 10.98
C ASN A 135 -15.79 24.11 11.46
N ASP A 136 -14.57 24.40 11.93
CA ASP A 136 -14.16 25.73 12.44
C ASP A 136 -13.48 26.53 11.32
N PHE A 137 -13.45 25.99 10.10
CA PHE A 137 -12.92 26.74 8.95
C PHE A 137 -14.10 27.35 8.21
N GLN A 138 -14.55 28.51 8.69
CA GLN A 138 -15.67 29.27 8.08
C GLN A 138 -15.21 29.89 6.75
N LEU A 139 -16.09 29.93 5.74
CA LEU A 139 -15.81 30.57 4.43
C LEU A 139 -17.12 31.01 3.80
N GLN A 140 -17.04 31.78 2.73
CA GLN A 140 -18.21 32.21 1.93
C GLN A 140 -18.20 31.43 0.62
N PHE A 141 -19.30 30.71 0.34
CA PHE A 141 -19.48 29.88 -0.88
C PHE A 141 -20.65 30.49 -1.67
N GLY A 142 -20.36 31.17 -2.77
CA GLY A 142 -21.38 31.98 -3.48
C GLY A 142 -21.75 33.18 -2.62
N ASN A 143 -23.04 33.49 -2.48
CA ASN A 143 -23.52 34.58 -1.60
C ASN A 143 -24.10 33.95 -0.33
N ARG A 144 -23.39 33.01 0.29
CA ARG A 144 -23.83 32.32 1.53
C ARG A 144 -22.62 31.86 2.35
N GLY A 145 -22.68 32.06 3.66
CA GLY A 145 -21.69 31.56 4.62
C GLY A 145 -21.82 30.06 4.77
N THR A 146 -20.70 29.37 4.96
CA THR A 146 -20.69 27.92 5.32
C THR A 146 -19.36 27.63 6.01
N ASN A 147 -19.01 26.36 6.14
CA ASN A 147 -17.67 25.96 6.63
C ASN A 147 -17.15 24.89 5.67
N LEU A 148 -15.84 24.65 5.67
CA LEU A 148 -15.15 23.68 4.75
C LEU A 148 -15.71 22.28 5.00
N HIS A 149 -16.04 21.91 6.24
CA HIS A 149 -16.61 20.58 6.56
C HIS A 149 -17.96 20.40 5.84
N SER A 150 -18.90 21.32 6.04
CA SER A 150 -20.24 21.29 5.41
C SER A 150 -20.12 21.35 3.89
N LEU A 151 -19.15 22.12 3.37
CA LEU A 151 -19.00 22.30 1.92
C LEU A 151 -18.74 20.89 1.32
N TRP A 152 -17.98 20.05 2.03
CA TRP A 152 -17.63 18.71 1.53
C TRP A 152 -18.72 17.70 1.89
N ASP A 153 -19.33 17.79 3.07
CA ASP A 153 -20.46 16.90 3.44
C ASP A 153 -21.60 17.04 2.44
N SER A 154 -21.95 18.26 2.01
CA SER A 154 -23.19 18.46 1.23
C SER A 154 -23.16 19.69 0.31
N GLY A 155 -22.46 20.79 0.64
CA GLY A 155 -22.51 22.04 -0.15
C GLY A 155 -22.26 21.83 -1.63
N MET A 156 -21.14 21.20 -1.99
CA MET A 156 -20.80 20.92 -3.41
C MET A 156 -21.77 19.92 -4.01
N LEU A 157 -22.13 18.84 -3.31
CA LEU A 157 -23.11 17.86 -3.86
C LEU A 157 -24.44 18.56 -4.15
N ASN A 158 -24.89 19.49 -3.30
CA ASN A 158 -26.19 20.18 -3.45
C ASN A 158 -26.19 21.02 -4.73
N THR A 159 -25.03 21.44 -5.25
CA THR A 159 -24.99 22.28 -6.48
C THR A 159 -25.52 21.50 -7.70
N ARG A 160 -25.58 20.16 -7.67
CA ARG A 160 -26.17 19.40 -8.81
C ARG A 160 -27.69 19.56 -8.86
N LYS A 161 -28.33 19.84 -7.72
CA LYS A 161 -29.81 19.99 -7.57
C LYS A 161 -30.50 18.70 -8.06
N LEU A 162 -29.94 17.53 -7.71
CA LEU A 162 -30.46 16.21 -8.11
C LEU A 162 -30.96 15.46 -6.88
N ASP A 163 -32.09 14.76 -7.02
CA ASP A 163 -32.48 13.78 -5.99
C ASP A 163 -31.64 12.52 -6.22
N ASP A 164 -31.80 11.49 -5.41
CA ASP A 164 -30.94 10.29 -5.57
C ASP A 164 -31.14 9.66 -6.95
N ALA A 165 -32.36 9.64 -7.48
CA ALA A 165 -32.62 8.99 -8.80
C ALA A 165 -31.82 9.71 -9.90
N GLY A 166 -31.57 11.02 -9.75
CA GLY A 166 -30.76 11.80 -10.71
C GLY A 166 -29.28 11.58 -10.45
N TYR A 167 -28.90 11.53 -9.17
CA TYR A 167 -27.47 11.55 -8.81
C TYR A 167 -26.84 10.17 -8.96
N LEU A 168 -27.57 9.11 -8.62
CA LEU A 168 -26.99 7.74 -8.60
C LEU A 168 -26.43 7.38 -9.99
N PRO A 169 -27.19 7.49 -11.11
CA PRO A 169 -26.64 7.09 -12.42
C PRO A 169 -25.45 7.95 -12.89
N LEU A 170 -25.35 9.18 -12.42
CA LEU A 170 -24.14 10.02 -12.65
C LEU A 170 -22.92 9.38 -11.96
N LEU A 171 -23.04 8.97 -10.69
CA LEU A 171 -21.93 8.28 -9.99
C LEU A 171 -21.62 6.98 -10.73
N GLN A 172 -22.64 6.23 -11.14
CA GLN A 172 -22.43 4.91 -11.80
C GLN A 172 -21.77 5.07 -13.19
N SER A 173 -21.90 6.23 -13.82
CA SER A 173 -21.33 6.54 -15.16
CA SER A 173 -21.32 6.54 -15.16
C SER A 173 -19.81 6.77 -15.09
N GLN A 174 -19.25 7.05 -13.92
CA GLN A 174 -17.81 7.40 -13.79
C GLN A 174 -16.96 6.20 -14.21
N ARG A 175 -15.74 6.44 -14.66
CA ARG A 175 -14.76 5.34 -14.81
C ARG A 175 -14.63 4.58 -13.48
N ALA A 176 -14.54 3.26 -13.54
CA ALA A 176 -14.38 2.36 -12.37
C ALA A 176 -13.16 2.80 -11.58
N PRO A 177 -13.24 2.97 -10.25
CA PRO A 177 -12.03 3.23 -9.47
C PRO A 177 -11.23 1.93 -9.36
N LYS A 178 -9.93 2.00 -9.09
CA LYS A 178 -9.08 0.82 -8.78
C LYS A 178 -9.28 0.48 -7.31
N LEU A 179 -9.88 -0.68 -7.00
CA LEU A 179 -10.05 -1.15 -5.60
C LEU A 179 -8.85 -2.02 -5.25
N ALA A 180 -8.65 -2.28 -3.95
CA ALA A 180 -7.80 -3.40 -3.48
C ALA A 180 -8.39 -4.68 -4.08
N ARG A 181 -7.56 -5.69 -4.32
CA ARG A 181 -8.02 -6.99 -4.91
C ARG A 181 -9.00 -7.64 -3.95
N GLN A 182 -8.77 -7.55 -2.62
CA GLN A 182 -9.65 -8.17 -1.60
C GLN A 182 -9.92 -7.18 -0.47
N SER A 183 -11.10 -7.26 0.14
CA SER A 183 -11.45 -6.63 1.42
C SER A 183 -10.61 -7.26 2.53
N ASN A 184 -9.96 -6.45 3.36
CA ASN A 184 -9.48 -6.85 4.72
C ASN A 184 -10.16 -5.94 5.72
N PRO A 185 -11.26 -6.40 6.33
CA PRO A 185 -12.02 -5.57 7.26
C PRO A 185 -11.23 -4.95 8.42
N GLN A 186 -10.14 -5.60 8.85
CA GLN A 186 -9.37 -5.16 10.04
C GLN A 186 -8.30 -4.15 9.60
N ARG A 187 -7.85 -4.17 8.34
CA ARG A 187 -6.73 -3.29 7.92
C ARG A 187 -7.17 -2.13 7.03
N ASP A 188 -8.24 -2.30 6.25
CA ASP A 188 -8.68 -1.32 5.22
C ASP A 188 -9.13 -0.01 5.87
N PRO A 189 -9.84 0.00 7.03
CA PRO A 189 -10.22 1.29 7.62
C PRO A 189 -9.05 2.27 7.79
N GLN A 190 -7.91 1.82 8.30
CA GLN A 190 -6.72 2.69 8.43
C GLN A 190 -6.30 3.18 7.04
N THR A 191 -6.21 2.29 6.06
CA THR A 191 -5.79 2.65 4.68
C THR A 191 -6.73 3.75 4.16
N TRP A 192 -8.04 3.59 4.37
CA TRP A 192 -9.06 4.50 3.81
C TRP A 192 -8.95 5.86 4.51
N ALA A 193 -8.86 5.86 5.84
CA ALA A 193 -8.74 7.11 6.62
C ALA A 193 -7.48 7.86 6.14
N GLU A 194 -6.38 7.15 5.95
CA GLU A 194 -5.12 7.78 5.48
C GLU A 194 -5.32 8.40 4.08
N ALA A 195 -5.97 7.69 3.15
CA ALA A 195 -6.21 8.16 1.77
C ALA A 195 -7.10 9.41 1.77
N SER A 196 -8.16 9.42 2.58
CA SER A 196 -9.04 10.58 2.77
C SER A 196 -8.26 11.76 3.35
N CYS A 197 -7.43 11.53 4.36
CA CYS A 197 -6.55 12.58 4.95
C CYS A 197 -5.66 13.20 3.88
N ARG A 198 -5.11 12.39 2.98
CA ARG A 198 -4.16 12.92 1.95
C ARG A 198 -4.92 13.88 1.02
N ILE A 199 -6.22 13.62 0.75
CA ILE A 199 -7.05 14.56 -0.05
C ILE A 199 -7.24 15.85 0.76
N SER A 200 -7.50 15.78 2.07
CA SER A 200 -7.71 16.99 2.94
C SER A 200 -6.45 17.85 2.93
N MET A 201 -5.27 17.27 2.70
CA MET A 201 -3.97 17.99 2.67
C MET A 201 -3.56 18.42 1.26
N GLN A 202 -4.28 18.03 0.20
CA GLN A 202 -3.96 18.37 -1.22
C GLN A 202 -3.96 19.88 -1.44
N ALA A 203 -3.05 20.39 -2.28
CA ALA A 203 -2.98 21.82 -2.66
C ALA A 203 -4.37 22.29 -3.07
N GLY A 204 -4.87 23.37 -2.45
CA GLY A 204 -6.11 24.03 -2.89
C GLY A 204 -7.36 23.54 -2.18
N VAL A 205 -7.32 22.38 -1.51
CA VAL A 205 -8.54 21.87 -0.80
C VAL A 205 -8.90 22.84 0.32
N TYR A 206 -7.91 23.23 1.11
CA TYR A 206 -7.96 24.47 1.91
C TYR A 206 -7.70 25.64 0.99
N PRO A 207 -8.69 26.53 0.76
CA PRO A 207 -8.51 27.59 -0.21
C PRO A 207 -7.62 28.68 0.41
N ALA A 208 -7.13 29.58 -0.44
CA ALA A 208 -6.20 30.68 -0.07
C ALA A 208 -6.98 32.00 -0.01
N THR A 209 -8.30 31.94 -0.23
CA THR A 209 -9.26 33.07 -0.12
C THR A 209 -10.40 32.65 0.80
N ARG A 210 -11.01 33.62 1.50
CA ARG A 210 -12.20 33.40 2.37
C ARG A 210 -13.45 33.23 1.49
N LYS A 211 -13.49 33.87 0.32
CA LYS A 211 -14.65 33.80 -0.62
C LYS A 211 -14.33 32.83 -1.77
N ILE A 212 -15.17 31.80 -1.96
CA ILE A 212 -15.05 30.83 -3.09
C ILE A 212 -16.43 30.66 -3.73
N GLY A 213 -16.49 29.97 -4.88
CA GLY A 213 -17.73 29.68 -5.63
C GLY A 213 -17.51 28.63 -6.72
N ASP A 214 -17.82 28.98 -7.96
CA ASP A 214 -17.85 28.07 -9.15
C ASP A 214 -16.49 27.42 -9.39
N GLU A 215 -15.38 28.15 -9.35
CA GLU A 215 -14.02 27.59 -9.63
C GLU A 215 -13.71 26.46 -8.63
N TYR A 216 -14.01 26.66 -7.35
CA TYR A 216 -13.74 25.61 -6.32
C TYR A 216 -14.62 24.39 -6.65
N THR A 217 -15.91 24.60 -6.90
CA THR A 217 -16.89 23.54 -7.24
C THR A 217 -16.42 22.78 -8.47
N GLU A 218 -16.03 23.51 -9.51
CA GLU A 218 -15.55 22.91 -10.78
C GLU A 218 -14.34 22.02 -10.52
N ARG A 219 -13.46 22.37 -9.59
CA ARG A 219 -12.24 21.56 -9.35
C ARG A 219 -12.52 20.39 -8.41
N TYR A 220 -13.29 20.61 -7.36
CA TYR A 220 -13.36 19.66 -6.21
C TYR A 220 -14.67 18.87 -6.17
N ARG A 221 -15.76 19.33 -6.78
CA ARG A 221 -16.99 18.52 -6.81
C ARG A 221 -16.69 17.18 -7.46
N PRO A 222 -15.95 17.11 -8.59
CA PRO A 222 -15.60 15.79 -9.17
C PRO A 222 -14.85 14.88 -8.19
N LEU A 223 -14.06 15.44 -7.27
CA LEU A 223 -13.31 14.63 -6.27
C LEU A 223 -14.27 14.08 -5.22
N ALA A 224 -15.16 14.91 -4.72
CA ALA A 224 -16.24 14.51 -3.80
C ALA A 224 -17.04 13.39 -4.46
N GLU A 225 -17.38 13.54 -5.75
CA GLU A 225 -18.22 12.54 -6.47
C GLU A 225 -17.42 11.25 -6.67
N ALA A 226 -16.15 11.33 -7.04
CA ALA A 226 -15.26 10.15 -7.12
C ALA A 226 -15.22 9.46 -5.75
N GLN A 227 -15.15 10.20 -4.64
CA GLN A 227 -15.09 9.61 -3.28
C GLN A 227 -16.42 8.92 -2.93
N LEU A 228 -17.60 9.43 -3.33
CA LEU A 228 -18.90 8.73 -3.14
C LEU A 228 -18.89 7.37 -3.86
N ARG A 229 -18.50 7.38 -5.15
CA ARG A 229 -18.43 6.14 -5.97
C ARG A 229 -17.47 5.15 -5.31
N LEU A 230 -16.27 5.60 -4.93
CA LEU A 230 -15.25 4.76 -4.27
C LEU A 230 -15.81 4.19 -2.97
N ALA A 231 -16.40 5.05 -2.12
CA ALA A 231 -17.04 4.61 -0.87
C ALA A 231 -18.07 3.50 -1.17
N GLY A 232 -18.93 3.69 -2.19
CA GLY A 232 -19.96 2.70 -2.50
C GLY A 232 -19.35 1.35 -2.93
N GLU A 233 -18.33 1.39 -3.78
CA GLU A 233 -17.65 0.16 -4.27
C GLU A 233 -16.94 -0.53 -3.09
N ASN A 234 -16.29 0.26 -2.24
CA ASN A 234 -15.61 -0.28 -1.02
C ASN A 234 -16.64 -0.84 -0.04
N LEU A 235 -17.79 -0.19 0.13
CA LEU A 235 -18.85 -0.72 1.03
C LEU A 235 -19.34 -2.07 0.52
N ALA A 236 -19.63 -2.21 -0.79
CA ALA A 236 -20.06 -3.50 -1.39
C ALA A 236 -18.99 -4.58 -1.19
N GLN A 237 -17.73 -4.26 -1.44
CA GLN A 237 -16.63 -5.26 -1.30
C GLN A 237 -16.58 -5.71 0.17
N LEU A 238 -16.72 -4.78 1.13
CA LEU A 238 -16.71 -5.13 2.57
C LEU A 238 -17.90 -6.05 2.89
N LEU A 239 -19.11 -5.65 2.51
CA LEU A 239 -20.31 -6.45 2.82
C LEU A 239 -20.19 -7.83 2.12
N ASN A 240 -19.68 -7.88 0.88
CA ASN A 240 -19.51 -9.15 0.13
C ASN A 240 -18.54 -10.07 0.88
N ARG A 241 -17.50 -9.51 1.54
CA ARG A 241 -16.52 -10.32 2.30
CA ARG A 241 -16.51 -10.30 2.30
C ARG A 241 -17.15 -10.75 3.63
N VAL A 242 -17.73 -9.81 4.37
CA VAL A 242 -18.22 -10.06 5.76
C VAL A 242 -19.44 -10.98 5.71
N LEU A 243 -20.33 -10.81 4.73
CA LEU A 243 -21.66 -11.49 4.72
C LEU A 243 -21.74 -12.49 3.56
N GLY A 244 -20.71 -12.62 2.71
CA GLY A 244 -20.85 -13.29 1.42
C GLY A 244 -20.35 -14.74 1.41
N ALA A 245 -19.73 -15.21 2.49
CA ALA A 245 -19.03 -16.53 2.54
C ALA A 245 -19.46 -17.31 3.77
N ARG A 246 -19.54 -18.63 3.63
CA ARG A 246 -19.83 -19.57 4.75
C ARG A 246 -19.04 -20.87 4.53
N LEU A 247 -18.92 -21.34 3.28
CA LEU A 247 -18.35 -22.67 2.94
C LEU A 247 -16.94 -22.78 3.53
N GLU A 248 -16.63 -23.93 4.15
CA GLU A 248 -15.30 -24.34 4.69
C GLU A 248 -14.99 -23.59 6.00
N TRP B 1 13.79 -6.15 -1.19
CA TRP B 1 14.01 -6.07 0.28
C TRP B 1 13.60 -4.68 0.80
N GLY B 2 13.48 -4.55 2.11
CA GLY B 2 13.45 -3.24 2.78
C GLY B 2 14.84 -2.62 2.76
N ALA B 3 14.97 -1.43 3.35
CA ALA B 3 16.21 -0.60 3.31
C ALA B 3 17.41 -1.41 3.83
N GLN B 4 17.27 -2.09 4.97
CA GLN B 4 18.39 -2.81 5.62
C GLN B 4 18.88 -3.91 4.70
N GLY B 5 17.97 -4.75 4.16
CA GLY B 5 18.38 -5.82 3.25
C GLY B 5 19.20 -5.23 2.10
N HIS B 6 18.72 -4.14 1.51
CA HIS B 6 19.43 -3.49 0.36
C HIS B 6 20.85 -3.06 0.80
N ARG B 7 20.97 -2.41 1.94
CA ARG B 7 22.30 -1.93 2.45
C ARG B 7 23.22 -3.12 2.72
N LEU B 8 22.68 -4.23 3.26
CA LEU B 8 23.53 -5.39 3.59
C LEU B 8 24.09 -5.97 2.28
N VAL B 9 23.25 -6.10 1.26
CA VAL B 9 23.69 -6.56 -0.09
C VAL B 9 24.86 -5.66 -0.54
N ALA B 10 24.72 -4.34 -0.41
CA ALA B 10 25.74 -3.39 -0.90
C ALA B 10 27.03 -3.55 -0.08
N GLU B 11 26.90 -3.72 1.22
CA GLU B 11 28.03 -3.86 2.17
C GLU B 11 28.79 -5.15 1.83
N VAL B 12 28.09 -6.25 1.62
CA VAL B 12 28.70 -7.57 1.23
C VAL B 12 29.50 -7.36 -0.05
N ALA B 13 28.91 -6.75 -1.08
CA ALA B 13 29.55 -6.53 -2.40
C ALA B 13 30.79 -5.61 -2.26
N ASP B 14 30.71 -4.59 -1.41
CA ASP B 14 31.77 -3.54 -1.30
C ASP B 14 33.08 -4.17 -0.80
N ALA B 15 32.98 -5.11 0.14
CA ALA B 15 34.13 -5.87 0.67
C ALA B 15 34.82 -6.67 -0.44
N ARG B 16 34.12 -6.98 -1.55
CA ARG B 16 34.58 -7.97 -2.56
CA ARG B 16 34.61 -7.97 -2.56
C ARG B 16 34.95 -7.27 -3.88
N LEU B 17 34.93 -5.94 -3.92
CA LEU B 17 35.35 -5.19 -5.13
C LEU B 17 36.88 -5.29 -5.25
N ASN B 18 37.38 -5.59 -6.46
CA ASN B 18 38.84 -5.52 -6.74
C ASN B 18 39.22 -4.06 -6.92
N PRO B 19 40.54 -3.73 -6.88
CA PRO B 19 40.99 -2.34 -6.90
C PRO B 19 40.48 -1.47 -8.05
N THR B 20 40.32 -2.00 -9.26
CA THR B 20 39.84 -1.20 -10.44
C THR B 20 38.38 -0.76 -10.24
N ALA B 21 37.44 -1.68 -10.04
CA ALA B 21 36.01 -1.40 -9.78
C ALA B 21 35.85 -0.55 -8.50
N ARG B 22 36.57 -0.84 -7.42
CA ARG B 22 36.53 -0.05 -6.16
C ARG B 22 36.87 1.41 -6.48
N ALA B 23 37.97 1.68 -7.19
CA ALA B 23 38.35 3.06 -7.59
C ALA B 23 37.24 3.71 -8.44
N GLU B 24 36.67 3.01 -9.43
CA GLU B 24 35.65 3.64 -10.32
C GLU B 24 34.39 3.92 -9.48
N VAL B 25 33.98 2.97 -8.65
CA VAL B 25 32.77 3.11 -7.78
C VAL B 25 32.98 4.33 -6.87
N ASP B 26 34.17 4.48 -6.28
CA ASP B 26 34.49 5.62 -5.37
C ASP B 26 34.46 6.96 -6.11
N ARG B 27 34.94 7.00 -7.36
CA ARG B 27 34.84 8.20 -8.24
C ARG B 27 33.36 8.59 -8.43
N LEU B 28 32.51 7.64 -8.81
CA LEU B 28 31.06 7.91 -9.02
C LEU B 28 30.42 8.40 -7.72
N LEU B 29 30.66 7.69 -6.61
CA LEU B 29 30.12 8.08 -5.26
C LEU B 29 30.59 9.48 -4.89
N ALA B 30 31.83 9.86 -5.22
CA ALA B 30 32.41 11.17 -4.87
C ALA B 30 31.64 12.32 -5.53
N THR B 31 30.88 12.09 -6.60
CA THR B 31 30.06 13.16 -7.26
C THR B 31 28.93 13.63 -6.32
N GLU B 32 28.66 12.89 -5.24
CA GLU B 32 27.50 13.17 -4.37
C GLU B 32 27.96 13.16 -2.92
N PRO B 33 28.01 14.31 -2.24
CA PRO B 33 28.48 14.39 -0.85
C PRO B 33 27.92 13.26 0.02
N ASP B 34 28.80 12.59 0.78
CA ASP B 34 28.47 11.61 1.85
C ASP B 34 28.10 10.22 1.29
N ALA B 35 27.71 10.11 0.00
CA ALA B 35 27.22 8.85 -0.61
C ALA B 35 28.23 7.72 -0.41
N THR B 36 27.74 6.53 -0.04
CA THR B 36 28.48 5.24 -0.01
C THR B 36 27.65 4.22 -0.79
N LEU B 37 28.23 3.06 -1.13
CA LEU B 37 27.49 1.95 -1.80
C LEU B 37 26.30 1.55 -0.91
N ALA B 38 26.48 1.47 0.41
CA ALA B 38 25.41 1.22 1.42
C ALA B 38 24.31 2.27 1.30
N SER B 39 24.67 3.55 1.35
CA SER B 39 23.70 4.67 1.52
C SER B 39 22.82 4.85 0.27
N ILE B 40 23.29 4.47 -0.93
CA ILE B 40 22.52 4.61 -2.20
C ILE B 40 21.63 3.36 -2.43
N ALA B 41 21.84 2.29 -1.69
CA ALA B 41 21.21 0.99 -2.01
C ALA B 41 19.69 1.08 -1.93
N PRO B 42 19.07 1.82 -0.97
CA PRO B 42 17.61 1.97 -0.94
C PRO B 42 17.02 3.09 -1.81
N TRP B 43 17.87 3.91 -2.42
CA TRP B 43 17.46 5.14 -3.16
C TRP B 43 16.29 4.85 -4.11
N ALA B 44 16.33 3.76 -4.88
CA ALA B 44 15.39 3.48 -5.98
C ALA B 44 13.95 3.28 -5.45
N ASP B 45 13.80 2.99 -4.15
CA ASP B 45 12.48 2.86 -3.47
C ASP B 45 11.99 4.23 -2.96
N GLN B 46 12.83 5.26 -2.95
CA GLN B 46 12.52 6.56 -2.29
C GLN B 46 12.18 7.65 -3.30
N LEU B 47 11.87 7.33 -4.56
CA LEU B 47 11.77 8.34 -5.65
C LEU B 47 10.51 9.20 -5.49
N ARG B 48 9.46 8.69 -4.84
CA ARG B 48 8.20 9.43 -4.56
C ARG B 48 8.55 10.86 -4.11
N ALA B 49 9.44 11.00 -3.12
CA ALA B 49 9.93 12.31 -2.62
C ALA B 49 11.02 12.84 -3.54
N LYS B 50 12.12 12.10 -3.69
CA LYS B 50 13.38 12.57 -4.34
C LYS B 50 13.11 13.00 -5.79
N ASP B 51 12.62 12.08 -6.64
CA ASP B 51 12.45 12.32 -8.10
C ASP B 51 11.17 11.64 -8.57
N PRO B 52 9.97 12.18 -8.24
CA PRO B 52 8.70 11.48 -8.48
C PRO B 52 8.39 11.17 -9.96
N GLY B 53 8.89 11.98 -10.89
CA GLY B 53 8.83 11.69 -12.33
C GLY B 53 9.51 10.36 -12.65
N LEU B 54 10.79 10.22 -12.30
CA LEU B 54 11.56 8.97 -12.52
C LEU B 54 10.95 7.84 -11.70
N GLY B 55 10.46 8.14 -10.48
CA GLY B 55 9.75 7.18 -9.61
C GLY B 55 8.57 6.53 -10.31
N ARG B 56 7.72 7.33 -10.95
CA ARG B 56 6.54 6.85 -11.72
C ARG B 56 7.02 5.87 -12.81
N ARG B 57 8.05 6.28 -13.57
CA ARG B 57 8.54 5.55 -14.76
C ARG B 57 9.17 4.21 -14.38
N SER B 58 9.87 4.15 -13.23
CA SER B 58 10.78 3.04 -12.84
C SER B 58 10.09 1.98 -11.94
N ALA B 59 8.82 2.18 -11.56
CA ALA B 59 8.15 1.40 -10.48
C ALA B 59 8.15 -0.11 -10.81
N GLY B 60 7.85 -0.49 -12.05
CA GLY B 60 7.82 -1.91 -12.50
C GLY B 60 9.21 -2.53 -12.65
N TRP B 61 10.28 -1.74 -12.50
CA TRP B 61 11.69 -2.21 -12.66
C TRP B 61 12.09 -3.09 -11.46
N HIS B 62 11.32 -3.08 -10.38
CA HIS B 62 11.74 -3.73 -9.11
C HIS B 62 11.37 -5.21 -9.10
N TYR B 63 10.58 -5.72 -10.06
CA TYR B 63 10.13 -7.13 -10.04
C TYR B 63 9.89 -7.69 -11.43
N VAL B 64 9.68 -9.00 -11.48
CA VAL B 64 9.13 -9.73 -12.66
C VAL B 64 8.35 -10.95 -12.15
N ASN B 65 7.03 -10.96 -12.36
CA ASN B 65 6.14 -12.06 -11.90
C ASN B 65 6.20 -13.18 -12.95
N ILE B 66 6.98 -14.23 -12.68
CA ILE B 66 7.22 -15.39 -13.60
C ILE B 66 6.81 -16.71 -12.94
N ALA B 67 6.32 -16.72 -11.69
CA ALA B 67 5.80 -17.96 -11.05
C ALA B 67 4.62 -18.50 -11.89
N GLU B 68 3.79 -17.61 -12.44
CA GLU B 68 2.69 -17.98 -13.40
C GLU B 68 3.22 -18.99 -14.43
N ASP B 69 4.39 -18.74 -15.01
CA ASP B 69 4.94 -19.53 -16.16
C ASP B 69 6.05 -20.44 -15.67
N ASN B 70 5.91 -20.98 -14.45
CA ASN B 70 6.82 -21.99 -13.84
C ASN B 70 8.26 -21.47 -13.83
N CYS B 71 8.45 -20.17 -13.59
CA CYS B 71 9.79 -19.53 -13.47
C CYS B 71 10.57 -19.67 -14.79
N HIS B 72 9.89 -19.54 -15.94
CA HIS B 72 10.48 -19.47 -17.30
C HIS B 72 10.27 -18.07 -17.87
N TYR B 73 11.29 -17.21 -17.76
CA TYR B 73 11.25 -15.79 -18.23
C TYR B 73 11.00 -15.76 -19.74
N GLU B 74 10.19 -14.81 -20.19
CA GLU B 74 9.88 -14.53 -21.63
C GLU B 74 9.57 -13.03 -21.78
N ALA B 75 10.52 -12.25 -22.27
CA ALA B 75 10.45 -10.77 -22.37
C ALA B 75 9.07 -10.32 -22.85
N PRO B 76 8.50 -10.92 -23.93
CA PRO B 76 7.13 -10.57 -24.34
C PRO B 76 6.09 -10.73 -23.22
N LYS B 77 5.98 -11.92 -22.63
CA LYS B 77 4.88 -12.30 -21.69
C LYS B 77 4.93 -11.44 -20.41
N HIS B 78 6.05 -11.50 -19.68
CA HIS B 78 6.21 -10.98 -18.30
C HIS B 78 6.66 -9.51 -18.29
N CYS B 79 7.12 -9.00 -19.44
CA CYS B 79 7.96 -7.79 -19.51
C CYS B 79 7.69 -7.00 -20.80
N ARG B 80 6.41 -6.76 -21.12
CA ARG B 80 5.94 -6.33 -22.47
C ARG B 80 6.65 -5.03 -22.92
N ASN B 81 6.70 -4.01 -22.06
CA ASN B 81 7.27 -2.68 -22.39
C ASN B 81 8.68 -2.54 -21.79
N GLY B 82 9.40 -3.67 -21.63
CA GLY B 82 10.70 -3.77 -20.94
C GLY B 82 10.58 -3.40 -19.47
N ASN B 83 9.36 -3.23 -18.96
CA ASN B 83 9.09 -2.65 -17.63
C ASN B 83 9.13 -3.80 -16.62
N CYS B 84 10.32 -4.34 -16.36
CA CYS B 84 10.56 -5.41 -15.35
C CYS B 84 12.04 -5.44 -14.94
N ILE B 85 12.36 -6.22 -13.90
CA ILE B 85 13.70 -6.14 -13.25
C ILE B 85 14.79 -6.67 -14.19
N VAL B 86 14.50 -7.73 -14.94
CA VAL B 86 15.46 -8.43 -15.83
C VAL B 86 16.02 -7.44 -16.87
N GLU B 87 15.16 -6.64 -17.52
CA GLU B 87 15.55 -5.68 -18.58
C GLU B 87 16.09 -4.38 -17.96
N ALA B 88 15.42 -3.83 -16.94
CA ALA B 88 15.92 -2.65 -16.18
C ALA B 88 17.38 -2.89 -15.74
N LEU B 89 17.71 -4.08 -15.21
CA LEU B 89 19.07 -4.38 -14.69
C LEU B 89 20.07 -4.47 -15.86
N LYS B 90 19.65 -5.05 -16.99
CA LYS B 90 20.49 -5.13 -18.23
C LYS B 90 20.80 -3.73 -18.72
N ALA B 91 19.77 -2.88 -18.81
CA ALA B 91 19.86 -1.47 -19.24
C ALA B 91 20.83 -0.72 -18.31
N GLN B 92 20.64 -0.82 -16.99
CA GLN B 92 21.37 0.08 -16.06
C GLN B 92 22.81 -0.39 -15.93
N SER B 93 23.05 -1.70 -16.08
CA SER B 93 24.40 -2.30 -16.12
C SER B 93 25.17 -1.72 -17.31
N THR B 94 24.46 -1.48 -18.41
CA THR B 94 25.03 -0.98 -19.69
C THR B 94 25.35 0.51 -19.52
N ILE B 95 24.40 1.29 -19.03
CA ILE B 95 24.66 2.73 -18.71
C ILE B 95 25.92 2.79 -17.84
N LEU B 96 26.02 1.89 -16.85
CA LEU B 96 27.06 2.00 -15.80
C LEU B 96 28.42 1.82 -16.47
N GLY B 97 28.52 0.94 -17.48
CA GLY B 97 29.78 0.61 -18.18
C GLY B 97 30.12 1.60 -19.30
N ASP B 98 29.29 2.64 -19.53
CA ASP B 98 29.39 3.52 -20.73
C ASP B 98 30.29 4.71 -20.39
N ARG B 99 31.56 4.66 -20.82
CA ARG B 99 32.59 5.66 -20.44
C ARG B 99 32.31 6.99 -21.15
N SER B 100 31.39 7.05 -22.12
CA SER B 100 30.99 8.32 -22.80
C SER B 100 30.09 9.18 -21.89
N LEU B 101 29.40 8.60 -20.89
CA LEU B 101 28.41 9.33 -20.04
C LEU B 101 29.12 10.09 -18.92
N THR B 102 28.43 11.03 -18.25
CA THR B 102 29.01 11.77 -17.09
C THR B 102 29.04 10.83 -15.88
N ASP B 103 29.92 11.13 -14.92
CA ASP B 103 30.03 10.44 -13.61
C ASP B 103 28.68 10.53 -12.86
N GLY B 104 27.94 11.62 -13.02
CA GLY B 104 26.59 11.82 -12.43
C GLY B 104 25.55 10.86 -13.02
N GLU B 105 25.55 10.69 -14.34
CA GLU B 105 24.60 9.76 -15.03
C GLU B 105 24.97 8.31 -14.68
N ARG B 106 26.26 8.02 -14.54
CA ARG B 106 26.75 6.65 -14.24
C ARG B 106 26.51 6.34 -12.76
N LEU B 107 26.57 7.35 -11.87
CA LEU B 107 26.20 7.17 -10.44
C LEU B 107 24.74 6.76 -10.36
N GLN B 108 23.85 7.40 -11.13
CA GLN B 108 22.40 7.08 -11.10
C GLN B 108 22.23 5.61 -11.49
N ALA B 109 22.93 5.16 -12.54
CA ALA B 109 22.91 3.76 -13.01
C ALA B 109 23.46 2.83 -11.90
N LEU B 110 24.51 3.25 -11.20
CA LEU B 110 25.06 2.44 -10.08
C LEU B 110 23.98 2.25 -9.00
N LYS B 111 23.25 3.30 -8.67
CA LYS B 111 22.16 3.23 -7.65
C LYS B 111 21.13 2.17 -8.05
N PHE B 112 20.73 2.12 -9.33
CA PHE B 112 19.77 1.12 -9.87
C PHE B 112 20.39 -0.28 -9.82
N VAL B 113 21.63 -0.43 -10.30
CA VAL B 113 22.30 -1.76 -10.33
C VAL B 113 22.43 -2.31 -8.90
N VAL B 114 22.86 -1.50 -7.94
CA VAL B 114 22.97 -1.91 -6.51
C VAL B 114 21.59 -2.34 -6.02
N HIS B 115 20.54 -1.53 -6.27
CA HIS B 115 19.16 -1.82 -5.78
C HIS B 115 18.64 -3.11 -6.41
N LEU B 116 18.70 -3.20 -7.75
CA LEU B 116 18.05 -4.28 -8.52
C LEU B 116 18.79 -5.60 -8.33
N VAL B 117 20.12 -5.63 -8.19
CA VAL B 117 20.76 -6.94 -7.85
C VAL B 117 20.17 -7.42 -6.52
N GLY B 118 19.95 -6.53 -5.55
CA GLY B 118 19.24 -6.90 -4.31
C GLY B 118 17.84 -7.46 -4.62
N ASP B 119 16.97 -6.67 -5.25
CA ASP B 119 15.53 -7.04 -5.45
C ASP B 119 15.43 -8.36 -6.22
N ILE B 120 16.32 -8.62 -7.19
CA ILE B 120 16.20 -9.82 -8.09
C ILE B 120 16.61 -11.09 -7.33
N HIS B 121 17.20 -10.97 -6.13
CA HIS B 121 17.52 -12.12 -5.25
C HIS B 121 16.47 -12.29 -4.12
N GLN B 122 15.43 -11.44 -4.07
CA GLN B 122 14.30 -11.57 -3.11
C GLN B 122 13.28 -12.48 -3.77
N PRO B 123 13.13 -13.75 -3.31
CA PRO B 123 12.27 -14.71 -4.00
C PRO B 123 10.90 -14.16 -4.42
N MET B 124 10.29 -13.32 -3.60
CA MET B 124 8.89 -12.85 -3.83
C MET B 124 8.86 -11.73 -4.90
N HIS B 125 10.03 -11.24 -5.36
CA HIS B 125 10.15 -10.24 -6.46
C HIS B 125 10.17 -10.92 -7.84
N ALA B 126 10.15 -12.24 -7.86
CA ALA B 126 10.03 -13.05 -9.10
C ALA B 126 8.87 -14.07 -8.93
N GLY B 127 7.82 -13.71 -8.20
CA GLY B 127 6.73 -14.62 -7.77
C GLY B 127 5.49 -14.53 -8.65
N TYR B 128 4.31 -14.59 -8.05
CA TYR B 128 3.00 -14.68 -8.74
C TYR B 128 2.44 -13.28 -8.99
N ALA B 129 1.96 -13.06 -10.21
CA ALA B 129 1.24 -11.83 -10.60
C ALA B 129 -0.04 -11.69 -9.77
N HIS B 130 -0.72 -12.80 -9.48
CA HIS B 130 -2.16 -12.80 -9.08
C HIS B 130 -2.29 -12.27 -7.64
N ASP B 131 -1.30 -12.55 -6.78
CA ASP B 131 -1.28 -12.03 -5.38
C ASP B 131 -0.18 -10.94 -5.23
N LYS B 132 0.28 -10.36 -6.34
CA LYS B 132 1.30 -9.27 -6.38
C LYS B 132 2.54 -9.68 -5.57
N GLY B 133 3.17 -10.81 -5.90
CA GLY B 133 4.39 -11.30 -5.24
C GLY B 133 4.19 -11.49 -3.74
N GLY B 134 2.98 -11.91 -3.31
CA GLY B 134 2.70 -12.21 -1.90
C GLY B 134 2.14 -11.02 -1.14
N ASN B 135 2.06 -9.83 -1.76
CA ASN B 135 1.47 -8.63 -1.10
C ASN B 135 0.01 -8.93 -0.71
N ASP B 136 -0.71 -9.76 -1.46
CA ASP B 136 -2.16 -10.01 -1.20
C ASP B 136 -2.36 -11.25 -0.31
N PHE B 137 -1.28 -11.89 0.15
CA PHE B 137 -1.30 -13.05 1.05
C PHE B 137 -1.00 -12.54 2.47
N GLN B 138 -2.08 -12.17 3.17
CA GLN B 138 -2.01 -11.49 4.49
C GLN B 138 -1.80 -12.54 5.59
N LEU B 139 -1.00 -12.17 6.58
CA LEU B 139 -0.58 -13.06 7.70
C LEU B 139 -0.61 -12.25 9.00
N GLN B 140 -0.57 -12.95 10.12
CA GLN B 140 -0.26 -12.35 11.44
C GLN B 140 1.08 -12.93 11.87
N PHE B 141 2.00 -12.06 12.26
CA PHE B 141 3.37 -12.42 12.69
C PHE B 141 3.76 -11.52 13.86
N GLY B 142 4.13 -12.07 15.01
CA GLY B 142 4.53 -11.26 16.16
C GLY B 142 3.44 -10.28 16.55
N ASN B 143 2.18 -10.73 16.49
CA ASN B 143 0.99 -9.98 16.97
C ASN B 143 0.82 -8.69 16.16
N ARG B 144 1.16 -8.74 14.88
CA ARG B 144 1.03 -7.62 13.93
C ARG B 144 0.54 -8.19 12.60
N GLY B 145 -0.29 -7.43 11.89
CA GLY B 145 -0.73 -7.73 10.53
C GLY B 145 0.42 -7.47 9.55
N THR B 146 0.70 -8.42 8.69
CA THR B 146 1.70 -8.26 7.60
C THR B 146 1.22 -9.11 6.41
N ASN B 147 2.12 -9.36 5.46
CA ASN B 147 1.80 -10.16 4.27
C ASN B 147 3.09 -10.89 3.91
N LEU B 148 3.01 -11.86 3.01
CA LEU B 148 4.15 -12.75 2.70
C LEU B 148 5.24 -11.91 2.02
N HIS B 149 4.90 -10.85 1.28
CA HIS B 149 5.91 -10.00 0.59
C HIS B 149 6.77 -9.27 1.65
N SER B 150 6.13 -8.53 2.53
CA SER B 150 6.77 -7.74 3.61
C SER B 150 7.56 -8.69 4.52
N LEU B 151 7.03 -9.89 4.80
CA LEU B 151 7.71 -10.89 5.67
C LEU B 151 9.11 -11.17 5.09
N TRP B 152 9.19 -11.30 3.76
CA TRP B 152 10.47 -11.62 3.06
C TRP B 152 11.31 -10.35 2.88
N ASP B 153 10.69 -9.20 2.64
CA ASP B 153 11.43 -7.93 2.40
C ASP B 153 12.15 -7.53 3.69
N SER B 154 11.49 -7.63 4.85
CA SER B 154 11.98 -7.03 6.12
CA SER B 154 11.91 -6.97 6.13
C SER B 154 11.54 -7.79 7.38
N GLY B 155 10.34 -8.37 7.41
CA GLY B 155 9.81 -9.00 8.65
C GLY B 155 10.79 -9.97 9.32
N MET B 156 11.25 -10.98 8.60
CA MET B 156 12.21 -11.96 9.15
C MET B 156 13.57 -11.29 9.45
N LEU B 157 14.08 -10.39 8.59
CA LEU B 157 15.39 -9.76 8.91
C LEU B 157 15.23 -8.95 10.20
N ASN B 158 14.07 -8.31 10.38
CA ASN B 158 13.80 -7.43 11.55
C ASN B 158 13.85 -8.26 12.84
N THR B 159 13.65 -9.58 12.80
CA THR B 159 13.66 -10.41 14.04
C THR B 159 15.07 -10.49 14.64
N ARG B 160 16.11 -10.22 13.85
CA ARG B 160 17.52 -10.22 14.33
C ARG B 160 17.73 -9.03 15.27
N LYS B 161 17.02 -7.90 15.03
CA LYS B 161 17.11 -6.64 15.83
C LYS B 161 18.56 -6.19 15.87
N LEU B 162 19.23 -6.18 14.71
CA LEU B 162 20.63 -5.71 14.54
C LEU B 162 20.68 -4.54 13.55
N ASP B 163 21.48 -3.53 13.87
CA ASP B 163 21.90 -2.51 12.87
C ASP B 163 22.82 -3.21 11.87
N ASP B 164 23.20 -2.53 10.79
CA ASP B 164 23.92 -3.15 9.66
C ASP B 164 25.22 -3.79 10.15
N ALA B 165 25.98 -3.06 10.96
CA ALA B 165 27.33 -3.47 11.42
C ALA B 165 27.22 -4.78 12.21
N GLY B 166 26.19 -4.89 13.05
CA GLY B 166 25.93 -6.10 13.86
C GLY B 166 25.47 -7.28 13.01
N TYR B 167 24.73 -7.04 11.92
CA TYR B 167 24.18 -8.09 11.02
C TYR B 167 25.27 -8.65 10.09
N LEU B 168 26.15 -7.79 9.58
CA LEU B 168 27.15 -8.20 8.54
C LEU B 168 27.94 -9.44 8.96
N PRO B 169 28.46 -9.56 10.21
CA PRO B 169 29.19 -10.76 10.61
C PRO B 169 28.34 -12.05 10.56
N LEU B 170 27.02 -11.95 10.76
CA LEU B 170 26.12 -13.12 10.58
C LEU B 170 26.22 -13.58 9.14
N LEU B 171 26.08 -12.67 8.17
CA LEU B 171 26.11 -12.99 6.71
C LEU B 171 27.50 -13.51 6.34
N GLN B 172 28.54 -12.91 6.92
CA GLN B 172 29.97 -13.20 6.59
C GLN B 172 30.32 -14.60 7.09
N SER B 173 29.71 -15.03 8.20
CA SER B 173 29.99 -16.32 8.88
C SER B 173 29.27 -17.49 8.19
N GLN B 174 28.42 -17.22 7.20
CA GLN B 174 27.82 -18.29 6.34
C GLN B 174 28.91 -18.93 5.50
N ARG B 175 28.74 -20.21 5.14
CA ARG B 175 29.52 -20.87 4.07
C ARG B 175 29.31 -20.09 2.76
N ALA B 176 30.39 -19.87 2.01
CA ALA B 176 30.37 -19.12 0.73
C ALA B 176 29.49 -19.85 -0.28
N PRO B 177 28.61 -19.13 -1.03
CA PRO B 177 27.89 -19.74 -2.14
C PRO B 177 28.85 -20.01 -3.30
N LYS B 178 28.54 -20.97 -4.16
CA LYS B 178 29.31 -21.25 -5.40
C LYS B 178 28.74 -20.36 -6.52
N LEU B 179 29.51 -19.36 -6.96
CA LEU B 179 29.10 -18.40 -8.02
C LEU B 179 29.35 -19.01 -9.41
N ALA B 180 28.80 -18.40 -10.46
CA ALA B 180 29.18 -18.63 -11.87
C ALA B 180 30.69 -18.41 -11.98
N ARG B 181 31.35 -19.10 -12.92
CA ARG B 181 32.80 -18.89 -13.20
C ARG B 181 32.99 -17.44 -13.65
N GLN B 182 32.07 -16.92 -14.47
CA GLN B 182 32.14 -15.58 -15.11
C GLN B 182 30.79 -14.87 -14.99
N SER B 183 30.82 -13.54 -14.81
CA SER B 183 29.64 -12.63 -14.93
C SER B 183 29.29 -12.44 -16.41
N ASN B 184 28.01 -12.60 -16.77
CA ASN B 184 27.46 -12.21 -18.09
CA ASN B 184 27.45 -12.22 -18.09
C ASN B 184 26.35 -11.20 -17.85
N PRO B 185 26.66 -9.89 -17.75
CA PRO B 185 25.65 -8.88 -17.42
C PRO B 185 24.34 -8.90 -18.21
N GLN B 186 24.32 -9.47 -19.43
CA GLN B 186 23.12 -9.50 -20.32
C GLN B 186 22.29 -10.78 -20.11
N ARG B 187 22.88 -11.89 -19.62
CA ARG B 187 22.18 -13.20 -19.47
C ARG B 187 21.93 -13.54 -17.99
N ASP B 188 22.70 -12.99 -17.06
CA ASP B 188 22.63 -13.35 -15.63
C ASP B 188 21.32 -12.85 -15.00
N PRO B 189 20.79 -11.65 -15.30
CA PRO B 189 19.53 -11.20 -14.68
C PRO B 189 18.38 -12.21 -14.85
N GLN B 190 18.03 -12.58 -16.08
CA GLN B 190 17.08 -13.70 -16.31
C GLN B 190 17.41 -14.87 -15.38
N THR B 191 18.65 -15.34 -15.35
CA THR B 191 19.10 -16.53 -14.57
C THR B 191 18.86 -16.32 -13.06
N TRP B 192 19.12 -15.13 -12.54
CA TRP B 192 18.92 -14.84 -11.09
C TRP B 192 17.41 -14.79 -10.79
N ALA B 193 16.62 -14.10 -11.61
CA ALA B 193 15.15 -13.96 -11.50
C ALA B 193 14.50 -15.35 -11.44
N GLU B 194 14.95 -16.26 -12.30
CA GLU B 194 14.42 -17.64 -12.37
C GLU B 194 14.78 -18.42 -11.10
N ALA B 195 16.00 -18.27 -10.58
CA ALA B 195 16.47 -18.95 -9.35
C ALA B 195 15.67 -18.45 -8.13
N SER B 196 15.43 -17.14 -8.06
CA SER B 196 14.57 -16.50 -7.03
C SER B 196 13.14 -17.05 -7.11
N CYS B 197 12.57 -17.07 -8.31
CA CYS B 197 11.20 -17.58 -8.58
C CYS B 197 11.06 -19.02 -8.03
N ARG B 198 12.08 -19.87 -8.19
CA ARG B 198 12.01 -21.29 -7.77
C ARG B 198 11.92 -21.39 -6.23
N ILE B 199 12.53 -20.44 -5.50
CA ILE B 199 12.39 -20.38 -4.02
C ILE B 199 10.93 -20.02 -3.69
N SER B 200 10.32 -19.10 -4.44
CA SER B 200 8.95 -18.58 -4.22
C SER B 200 7.93 -19.72 -4.40
N MET B 201 8.24 -20.69 -5.26
CA MET B 201 7.35 -21.81 -5.63
C MET B 201 7.57 -23.02 -4.71
N GLN B 202 8.58 -23.00 -3.82
CA GLN B 202 8.88 -24.11 -2.86
C GLN B 202 7.69 -24.34 -1.92
N ALA B 203 7.36 -25.61 -1.62
CA ALA B 203 6.26 -26.04 -0.74
C ALA B 203 6.56 -25.56 0.68
N GLY B 204 5.65 -24.79 1.29
CA GLY B 204 5.84 -24.31 2.67
C GLY B 204 6.21 -22.84 2.72
N VAL B 205 6.67 -22.24 1.63
CA VAL B 205 6.96 -20.78 1.59
C VAL B 205 5.64 -20.02 1.79
N TYR B 206 4.55 -20.52 1.21
CA TYR B 206 3.18 -20.03 1.49
C TYR B 206 2.65 -20.81 2.68
N PRO B 207 2.51 -20.17 3.87
CA PRO B 207 1.93 -20.86 5.02
C PRO B 207 0.43 -21.16 4.83
N ALA B 208 0.00 -22.32 5.34
CA ALA B 208 -1.40 -22.80 5.30
C ALA B 208 -2.21 -22.20 6.45
N THR B 209 -1.56 -21.50 7.40
CA THR B 209 -2.22 -20.82 8.55
C THR B 209 -2.02 -19.30 8.40
N ARG B 210 -3.04 -18.49 8.73
CA ARG B 210 -2.89 -17.00 8.67
C ARG B 210 -1.87 -16.55 9.73
N LYS B 211 -1.80 -17.25 10.87
CA LYS B 211 -0.86 -16.88 11.97
C LYS B 211 0.38 -17.76 11.85
N ILE B 212 1.56 -17.14 11.80
CA ILE B 212 2.89 -17.82 11.79
C ILE B 212 3.79 -17.19 12.86
N GLY B 213 4.89 -17.86 13.20
CA GLY B 213 5.81 -17.40 14.24
C GLY B 213 7.17 -18.03 14.10
N ASP B 214 7.68 -18.64 15.17
CA ASP B 214 9.11 -19.03 15.27
C ASP B 214 9.42 -20.15 14.29
N GLU B 215 8.48 -21.05 14.00
CA GLU B 215 8.73 -22.23 13.13
C GLU B 215 9.00 -21.72 11.71
N TYR B 216 8.28 -20.68 11.28
CA TYR B 216 8.48 -20.11 9.92
C TYR B 216 9.83 -19.41 9.89
N THR B 217 10.12 -18.61 10.92
CA THR B 217 11.41 -17.86 11.07
C THR B 217 12.56 -18.86 11.07
N GLU B 218 12.47 -19.91 11.90
CA GLU B 218 13.52 -20.97 12.01
CA GLU B 218 13.57 -20.92 12.01
C GLU B 218 13.81 -21.55 10.64
N ARG B 219 12.75 -21.81 9.87
CA ARG B 219 12.87 -22.49 8.55
C ARG B 219 13.40 -21.52 7.48
N TYR B 220 12.89 -20.29 7.41
CA TYR B 220 13.06 -19.44 6.21
C TYR B 220 14.01 -18.27 6.43
N ARG B 221 14.27 -17.83 7.66
CA ARG B 221 15.18 -16.67 7.87
C ARG B 221 16.57 -17.04 7.35
N PRO B 222 17.09 -18.27 7.58
CA PRO B 222 18.36 -18.70 7.00
C PRO B 222 18.39 -18.58 5.46
N LEU B 223 17.28 -18.87 4.76
CA LEU B 223 17.21 -18.80 3.28
C LEU B 223 17.19 -17.33 2.85
N ALA B 224 16.48 -16.46 3.56
CA ALA B 224 16.49 -15.01 3.26
C ALA B 224 17.93 -14.48 3.41
N GLU B 225 18.62 -14.90 4.46
CA GLU B 225 19.99 -14.41 4.79
C GLU B 225 21.00 -14.97 3.78
N ALA B 226 20.81 -16.22 3.34
CA ALA B 226 21.65 -16.85 2.28
C ALA B 226 21.44 -16.07 0.97
N GLN B 227 20.22 -15.62 0.69
CA GLN B 227 19.92 -14.84 -0.55
C GLN B 227 20.57 -13.45 -0.47
N LEU B 228 20.63 -12.84 0.72
CA LEU B 228 21.35 -11.54 0.91
C LEU B 228 22.83 -11.75 0.59
N ARG B 229 23.45 -12.79 1.14
CA ARG B 229 24.90 -13.07 0.96
C ARG B 229 25.15 -13.30 -0.54
N LEU B 230 24.33 -14.14 -1.16
CA LEU B 230 24.40 -14.47 -2.61
C LEU B 230 24.25 -13.19 -3.45
N ALA B 231 23.28 -12.34 -3.14
CA ALA B 231 23.03 -11.07 -3.85
C ALA B 231 24.28 -10.18 -3.76
N GLY B 232 24.89 -10.09 -2.56
CA GLY B 232 26.07 -9.25 -2.33
C GLY B 232 27.24 -9.74 -3.18
N GLU B 233 27.46 -11.05 -3.22
CA GLU B 233 28.58 -11.65 -3.99
C GLU B 233 28.32 -11.50 -5.50
N ASN B 234 27.10 -11.76 -5.96
CA ASN B 234 26.71 -11.58 -7.39
C ASN B 234 26.84 -10.10 -7.78
N LEU B 235 26.54 -9.17 -6.87
CA LEU B 235 26.66 -7.73 -7.19
C LEU B 235 28.15 -7.36 -7.36
N ALA B 236 29.03 -7.81 -6.46
CA ALA B 236 30.49 -7.58 -6.53
C ALA B 236 31.03 -8.17 -7.84
N GLN B 237 30.69 -9.40 -8.18
CA GLN B 237 31.16 -10.03 -9.44
C GLN B 237 30.70 -9.16 -10.63
N LEU B 238 29.47 -8.63 -10.62
CA LEU B 238 28.90 -7.82 -11.73
C LEU B 238 29.66 -6.50 -11.83
N LEU B 239 29.86 -5.80 -10.71
CA LEU B 239 30.59 -4.51 -10.68
C LEU B 239 32.05 -4.74 -11.12
N ASN B 240 32.69 -5.80 -10.65
CA ASN B 240 34.07 -6.17 -11.08
C ASN B 240 34.10 -6.37 -12.60
N ARG B 241 33.07 -7.00 -13.17
CA ARG B 241 32.96 -7.31 -14.62
C ARG B 241 32.71 -6.01 -15.43
N VAL B 242 31.81 -5.12 -14.99
CA VAL B 242 31.40 -3.90 -15.76
C VAL B 242 32.44 -2.77 -15.60
N LEU B 243 33.02 -2.61 -14.41
CA LEU B 243 33.92 -1.47 -14.12
C LEU B 243 35.37 -1.93 -13.89
N GLY B 244 35.65 -3.23 -13.92
CA GLY B 244 36.98 -3.75 -13.54
C GLY B 244 37.93 -3.80 -14.73
N ALA B 245 39.05 -4.51 -14.58
CA ALA B 245 40.20 -4.52 -15.52
C ALA B 245 40.14 -5.73 -16.45
N ARG B 246 39.21 -6.67 -16.21
CA ARG B 246 39.10 -7.95 -16.96
CA ARG B 246 39.11 -7.95 -16.97
C ARG B 246 40.40 -8.74 -16.74
N LEU B 247 40.80 -8.87 -15.48
CA LEU B 247 42.01 -9.63 -15.07
C LEU B 247 41.60 -11.09 -14.84
N GLU B 248 42.58 -12.01 -14.87
CA GLU B 248 42.44 -13.44 -14.51
C GLU B 248 41.78 -13.55 -13.13
N HIS B 249 40.96 -14.59 -12.94
CA HIS B 249 40.13 -14.81 -11.72
C HIS B 249 41.04 -14.84 -10.48
N HIS B 250 42.19 -15.52 -10.57
CA HIS B 250 43.29 -15.46 -9.58
C HIS B 250 42.80 -15.97 -8.21
ZN ZN C . -21.59 11.85 6.86
ZN ZN D . -21.60 10.59 10.34
ZN ZN E . -19.27 15.34 8.15
O3P C5P F . -21.45 13.13 8.25
P C5P F . -21.35 13.62 9.59
O1P C5P F . -20.39 14.82 9.54
O2P C5P F . -21.00 12.54 10.55
O5' C5P F . -22.77 14.19 9.96
C5' C5P F . -23.42 15.12 9.05
C4' C5P F . -24.82 15.40 9.53
O4' C5P F . -24.77 16.17 10.73
C3' C5P F . -25.69 16.22 8.58
O3' C5P F . -26.41 15.39 7.70
C2' C5P F . -26.73 16.82 9.54
O2' C5P F . -27.80 15.92 9.77
C1' C5P F . -25.94 16.96 10.84
N1 C5P F . -25.55 18.36 11.13
C2 C5P F . -26.52 19.18 11.71
N3 C5P F . -26.22 20.50 11.92
C4 C5P F . -25.01 20.99 11.59
C5 C5P F . -24.01 20.16 10.99
C6 C5P F . -24.32 18.87 10.78
O2 C5P F . -27.62 18.70 12.01
N4 C5P F . -24.77 22.29 11.83
C1 GOL G . -29.03 4.45 24.69
O1 GOL G . -29.81 4.33 23.51
C2 GOL G . -27.94 3.41 24.73
O2 GOL G . -28.41 2.21 24.13
C3 GOL G . -27.41 3.17 26.14
O3 GOL G . -27.38 4.37 26.89
C1 PEG H . -14.47 11.54 -11.53
O1 PEG H . -14.52 10.13 -11.45
C2 PEG H . -15.49 12.23 -10.66
O2 PEG H . -16.73 12.29 -11.34
C3 PEG H . -17.19 13.60 -11.68
C4 PEG H . -16.49 14.11 -12.91
O4 PEG H . -17.13 15.25 -13.49
C1 GOL I . -14.89 0.99 20.65
O1 GOL I . -15.30 2.26 21.18
C2 GOL I . -15.36 0.77 19.23
O2 GOL I . -14.44 1.44 18.37
C3 GOL I . -16.80 1.22 18.97
O3 GOL I . -17.51 0.45 17.98
S SO4 J . -27.80 17.34 5.20
O1 SO4 J . -27.30 17.39 3.85
O2 SO4 J . -26.74 17.75 6.12
O3 SO4 J . -28.92 18.23 5.33
O4 SO4 J . -28.23 16.02 5.53
S SO4 K . -32.58 15.04 1.06
O1 SO4 K . -31.77 14.70 -0.09
O2 SO4 K . -32.40 16.43 1.37
O3 SO4 K . -33.97 14.79 0.73
O4 SO4 K . -32.22 14.24 2.21
S SO4 L . -23.27 25.60 7.77
O1 SO4 L . -22.82 24.33 8.33
O2 SO4 L . -22.28 26.62 8.08
O3 SO4 L . -23.42 25.46 6.33
O4 SO4 L . -24.52 25.97 8.38
S SO4 M . -10.82 37.21 0.18
O1 SO4 M . -10.18 37.52 -1.08
O2 SO4 M . -11.19 38.44 0.85
O3 SO4 M . -12.01 36.45 -0.05
O4 SO4 M . -9.90 36.46 1.01
S SO4 N . -24.36 20.85 -13.20
O1 SO4 N . -24.79 19.46 -13.28
O2 SO4 N . -22.93 20.94 -13.23
O3 SO4 N . -24.90 21.61 -14.32
O4 SO4 N . -24.82 21.45 -11.96
S SO4 O . -32.89 -8.27 19.02
O1 SO4 O . -31.55 -8.53 19.50
O2 SO4 O . -33.05 -6.86 18.75
O3 SO4 O . -33.14 -9.02 17.80
O4 SO4 O . -33.85 -8.70 20.01
S SO4 P . -32.92 -6.35 -3.27
O1 SO4 P . -32.75 -7.73 -2.89
O2 SO4 P . -31.64 -5.68 -3.26
O3 SO4 P . -33.48 -6.28 -4.60
O4 SO4 P . -33.82 -5.70 -2.34
S SO4 Q . -20.98 39.94 -2.87
O1 SO4 Q . -21.16 40.28 -4.26
O2 SO4 Q . -19.91 40.72 -2.30
O3 SO4 Q . -22.21 40.19 -2.15
O4 SO4 Q . -20.67 38.53 -2.77
S SO4 R . -10.83 8.06 22.98
O1 SO4 R . -10.86 6.82 22.22
O2 SO4 R . -9.80 7.95 23.99
O3 SO4 R . -10.55 9.13 22.07
O4 SO4 R . -12.10 8.29 23.66
S SO4 S . -5.57 0.01 -3.97
O1 SO4 S . -5.06 -1.11 -4.72
O2 SO4 S . -4.61 1.09 -4.01
O3 SO4 S . -6.80 0.45 -4.55
O4 SO4 S . -5.79 -0.39 -2.61
S SO4 T . -16.65 -7.89 -4.55
O1 SO4 T . -15.45 -8.26 -5.26
O2 SO4 T . -16.69 -6.46 -4.38
O3 SO4 T . -17.80 -8.29 -5.33
O4 SO4 T . -16.70 -8.53 -3.28
ZN ZN U . 13.85 -4.26 -2.05
ZN ZN V . 12.95 -2.11 -4.88
ZN ZN W . 9.62 -5.95 -2.07
O3P C5P X . 6.15 -3.69 -1.49
P C5P X . 6.93 -3.91 -2.82
O1P C5P X . 8.49 -4.35 -2.62
O2P C5P X . 6.83 -2.62 -3.67
O5' C5P X . 6.04 -5.01 -3.61
C5' C5P X . 6.69 -5.58 -4.76
C4' C5P X . 5.82 -6.62 -5.40
O4' C5P X . 4.58 -6.00 -5.82
C3' C5P X . 6.41 -7.18 -6.68
O3' C5P X . 7.27 -8.26 -6.37
C2' C5P X . 5.18 -7.59 -7.50
O2' C5P X . 4.86 -8.96 -7.38
C1' C5P X . 4.05 -6.73 -6.92
N1 C5P X . 3.47 -5.79 -7.87
C2 C5P X . 2.71 -6.30 -8.94
N3 C5P X . 2.10 -5.42 -9.78
C4 C5P X . 2.24 -4.10 -9.62
C5 C5P X . 3.01 -3.55 -8.54
C6 C5P X . 3.60 -4.42 -7.70
O2 C5P X . 2.62 -7.52 -9.07
N4 C5P X . 1.68 -3.29 -10.53
OH2 1PE Y . -8.93 -13.57 1.53
C12 1PE Y . -7.83 -14.35 1.15
C22 1PE Y . -7.55 -14.28 -0.31
OH3 1PE Y . -6.26 -14.83 -0.56
C13 1PE Y . -4.87 -16.31 -1.84
C23 1PE Y . -6.20 -15.64 -1.74
OH4 1PE Y . -4.88 -17.25 -2.89
C14 1PE Y . -2.53 -17.41 -3.26
C24 1PE Y . -3.85 -17.06 -3.86
OH5 1PE Y . -1.51 -17.39 -4.25
C15 1PE Y . 0.47 -18.49 -5.01
C25 1PE Y . -0.88 -18.66 -4.43
OH6 1PE Y . 1.41 -19.28 -4.30
C16 1PE Y . 1.47 -21.43 -3.27
C26 1PE Y . 1.31 -20.69 -4.56
OH7 1PE Y . 1.25 -22.82 -3.42
S SO4 Z . 39.15 -7.27 -11.97
O1 SO4 Z . 40.25 -7.88 -11.27
O2 SO4 Z . 39.30 -5.82 -11.93
O3 SO4 Z . 39.09 -7.72 -13.34
O4 SO4 Z . 37.89 -7.66 -11.31
S SO4 AA . -0.53 -5.38 4.71
O1 SO4 AA . -0.85 -6.42 3.80
O2 SO4 AA . -0.13 -4.23 3.95
O3 SO4 AA . -1.69 -5.04 5.51
O4 SO4 AA . 0.51 -5.82 5.59
S SO4 BA . -6.15 -9.55 10.15
O1 SO4 BA . -5.04 -10.46 10.17
O2 SO4 BA . -5.67 -8.23 10.49
O3 SO4 BA . -6.74 -9.54 8.82
O4 SO4 BA . -7.15 -9.94 11.13
S SO4 CA . 11.81 -1.03 5.55
O1 SO4 CA . 12.78 -0.34 4.73
O2 SO4 CA . 11.35 -0.14 6.59
O3 SO4 CA . 10.70 -1.43 4.74
O4 SO4 CA . 12.42 -2.19 6.15
S SO4 DA . -1.75 -4.42 13.32
O1 SO4 DA . -0.65 -4.45 12.40
O2 SO4 DA . -2.45 -3.16 13.20
O3 SO4 DA . -2.68 -5.48 13.01
O4 SO4 DA . -1.24 -4.57 14.66
S SO4 EA . 29.08 -21.55 -14.71
O1 SO4 EA . 29.49 -22.60 -15.60
O2 SO4 EA . 30.12 -21.30 -13.76
O3 SO4 EA . 28.81 -20.35 -15.47
O4 SO4 EA . 27.88 -21.95 -14.02
S SO4 FA . 16.42 0.71 8.67
O1 SO4 FA . 16.25 1.66 9.73
O2 SO4 FA . 16.91 1.39 7.50
O3 SO4 FA . 15.15 0.10 8.36
O4 SO4 FA . 17.34 -0.30 9.09
S SO4 GA . -3.96 -4.75 -3.51
O1 SO4 GA . -2.67 -5.37 -3.36
O2 SO4 GA . -4.07 -3.64 -2.59
O3 SO4 GA . -4.12 -4.31 -4.88
O4 SO4 GA . -4.99 -5.70 -3.22
S SO4 HA . -6.50 -20.29 9.71
O1 SO4 HA . -6.46 -21.19 8.58
O2 SO4 HA . -5.16 -19.90 10.07
O3 SO4 HA . -7.27 -19.13 9.36
O4 SO4 HA . -7.11 -20.94 10.84
P PO4 IA . 11.32 -3.07 -2.78
O1 PO4 IA . 10.42 -2.17 -1.96
O2 PO4 IA . 10.92 -2.97 -4.29
O3 PO4 IA . 12.82 -2.63 -2.60
O4 PO4 IA . 11.24 -4.47 -2.26
#